data_3DDV
#
_entry.id   3DDV
#
_cell.length_a   86.153
_cell.length_b   86.153
_cell.length_c   240.059
_cell.angle_alpha   90.00
_cell.angle_beta   90.00
_cell.angle_gamma   120.00
#
_symmetry.space_group_name_H-M   'P 32 2 1'
#
loop_
_entity.id
_entity.type
_entity.pdbx_description
1 polymer 'Transcriptional regulator (GntR family)'
2 non-polymer 'MAGNESIUM ION'
3 water water
#
_entity_poly.entity_id   1
_entity_poly.type   'polypeptide(L)'
_entity_poly.pdbx_seq_one_letter_code
;SQNRVPSSRTVSYFVAKPSSSEMEKLQLGPEDSILRMERIRFADDIPICFEVASIPYSLVSQYGKSEITNSFYKTLEAKS
GHKIGHSNQTISAVQASEQIAEYLEIKRGDAILRVRQVSYFENGLPFEYVRTQYAGSRFEFYLEK
;
_entity_poly.pdbx_strand_id   A,B,C,D
#
loop_
_chem_comp.id
_chem_comp.type
_chem_comp.name
_chem_comp.formula
MG non-polymer 'MAGNESIUM ION' 'Mg 2'
#
# COMPACT_ATOMS: atom_id res chain seq x y z
N ASN A 3 -15.84 30.15 -12.37
CA ASN A 3 -15.84 31.47 -13.14
C ASN A 3 -15.17 31.49 -14.54
N ARG A 4 -14.11 30.69 -14.69
CA ARG A 4 -13.55 30.39 -16.00
C ARG A 4 -14.27 29.12 -16.44
N VAL A 5 -14.45 28.98 -17.75
CA VAL A 5 -15.23 27.86 -18.25
C VAL A 5 -14.34 26.64 -18.34
N PRO A 6 -14.73 25.57 -17.69
CA PRO A 6 -13.89 24.40 -17.72
C PRO A 6 -14.19 23.51 -18.92
N SER A 7 -13.25 22.65 -19.23
CA SER A 7 -13.27 21.89 -20.46
C SER A 7 -12.27 20.79 -20.22
N SER A 8 -12.37 19.68 -20.95
CA SER A 8 -11.43 18.57 -20.74
C SER A 8 -11.08 17.91 -22.03
N ARG A 9 -9.96 17.22 -22.05
CA ARG A 9 -9.55 16.43 -23.20
C ARG A 9 -9.15 15.05 -22.76
N THR A 10 -9.96 14.04 -23.08
CA THR A 10 -9.55 12.63 -22.86
C THR A 10 -8.36 12.26 -23.73
N VAL A 11 -7.28 11.83 -23.11
CA VAL A 11 -6.03 11.58 -23.78
C VAL A 11 -5.85 10.09 -24.08
N SER A 12 -6.32 9.24 -23.19
CA SER A 12 -6.54 7.86 -23.60
C SER A 12 -7.60 7.22 -22.77
N TYR A 13 -8.11 6.12 -23.29
CA TYR A 13 -9.26 5.42 -22.73
C TYR A 13 -9.12 3.98 -23.22
N PHE A 14 -8.78 3.06 -22.32
CA PHE A 14 -8.53 1.68 -22.73
C PHE A 14 -8.60 0.69 -21.60
N VAL A 15 -8.90 -0.55 -22.00
CA VAL A 15 -8.82 -1.76 -21.19
C VAL A 15 -7.37 -2.21 -21.11
N ALA A 16 -6.93 -2.62 -19.94
CA ALA A 16 -5.53 -2.92 -19.79
C ALA A 16 -5.34 -3.80 -18.61
N LYS A 17 -4.17 -4.38 -18.52
CA LYS A 17 -3.85 -5.15 -17.35
C LYS A 17 -3.16 -4.20 -16.36
N PRO A 18 -3.52 -4.29 -15.07
CA PRO A 18 -3.21 -3.31 -14.05
C PRO A 18 -1.72 -3.21 -13.72
N SER A 19 -1.32 -2.01 -13.32
CA SER A 19 -0.02 -1.72 -12.76
C SER A 19 0.01 -2.18 -11.32
N SER A 20 1.16 -2.06 -10.68
CA SER A 20 1.25 -2.51 -9.30
C SER A 20 0.34 -1.71 -8.40
N SER A 21 0.26 -0.40 -8.58
CA SER A 21 -0.58 0.36 -7.66
C SER A 21 -2.02 0.11 -7.95
N GLU A 22 -2.39 0.00 -9.22
CA GLU A 22 -3.75 -0.42 -9.54
C GLU A 22 -4.11 -1.74 -8.84
N MET A 23 -3.22 -2.73 -8.90
CA MET A 23 -3.47 -4.02 -8.24
C MET A 23 -3.70 -3.80 -6.74
N GLU A 24 -2.83 -2.95 -6.22
CA GLU A 24 -2.81 -2.73 -4.79
C GLU A 24 -4.08 -1.98 -4.39
N LYS A 25 -4.41 -0.86 -5.04
CA LYS A 25 -5.56 -0.08 -4.57
C LYS A 25 -6.89 -0.64 -4.99
N LEU A 26 -6.93 -1.41 -6.08
CA LEU A 26 -8.20 -1.96 -6.52
C LEU A 26 -8.34 -3.38 -6.05
N GLN A 27 -7.30 -3.94 -5.41
CA GLN A 27 -7.32 -5.29 -4.89
C GLN A 27 -7.59 -6.31 -5.96
N LEU A 28 -6.70 -6.29 -6.95
CA LEU A 28 -6.79 -7.13 -8.09
C LEU A 28 -5.50 -7.87 -8.26
N GLY A 29 -5.54 -8.88 -9.13
CA GLY A 29 -4.36 -9.62 -9.53
C GLY A 29 -4.02 -9.29 -10.96
N PRO A 30 -2.83 -9.67 -11.45
CA PRO A 30 -2.26 -9.12 -12.71
C PRO A 30 -3.04 -9.44 -13.96
N GLU A 31 -3.89 -10.45 -13.88
CA GLU A 31 -4.70 -10.93 -14.99
C GLU A 31 -6.03 -10.22 -15.01
N ASP A 32 -6.42 -9.58 -13.89
CA ASP A 32 -7.64 -8.77 -13.85
C ASP A 32 -7.54 -7.48 -14.66
N SER A 33 -8.44 -7.24 -15.61
CA SER A 33 -8.35 -6.06 -16.46
C SER A 33 -9.08 -4.83 -15.88
N ILE A 34 -8.52 -3.65 -16.13
CA ILE A 34 -9.20 -2.43 -15.72
C ILE A 34 -9.52 -1.56 -16.88
N LEU A 35 -10.51 -0.69 -16.70
CA LEU A 35 -10.80 0.35 -17.69
C LEU A 35 -10.17 1.66 -17.19
N ARG A 36 -9.38 2.28 -18.03
CA ARG A 36 -8.46 3.32 -17.59
C ARG A 36 -8.62 4.53 -18.47
N MET A 37 -9.11 5.62 -17.89
CA MET A 37 -9.27 6.84 -18.66
C MET A 37 -8.30 7.87 -18.13
N GLU A 38 -7.79 8.68 -19.06
CA GLU A 38 -6.84 9.72 -18.74
C GLU A 38 -7.30 11.00 -19.44
N ARG A 39 -7.55 12.04 -18.65
CA ARG A 39 -8.02 13.35 -19.10
C ARG A 39 -7.09 14.47 -18.68
N ILE A 40 -7.06 15.53 -19.47
CA ILE A 40 -6.51 16.80 -19.00
C ILE A 40 -7.70 17.69 -18.75
N ARG A 41 -7.79 18.28 -17.56
CA ARG A 41 -8.82 19.30 -17.31
C ARG A 41 -8.24 20.70 -17.42
N PHE A 42 -8.97 21.56 -18.09
CA PHE A 42 -8.55 22.93 -18.29
C PHE A 42 -9.54 23.89 -17.66
N ALA A 43 -9.11 25.09 -17.35
CA ALA A 43 -10.01 26.18 -17.01
C ALA A 43 -9.62 27.26 -17.98
N ASP A 44 -10.54 27.70 -18.82
CA ASP A 44 -10.21 28.64 -19.88
C ASP A 44 -8.96 28.23 -20.68
N ASP A 45 -8.85 26.97 -21.06
CA ASP A 45 -7.65 26.55 -21.78
C ASP A 45 -6.32 26.81 -21.05
N ILE A 46 -6.33 26.75 -19.73
CA ILE A 46 -5.12 26.64 -19.01
C ILE A 46 -5.24 25.28 -18.36
N PRO A 47 -4.28 24.41 -18.61
CA PRO A 47 -4.29 23.14 -17.93
C PRO A 47 -4.23 23.35 -16.43
N ILE A 48 -4.95 22.53 -15.69
CA ILE A 48 -5.11 22.62 -14.27
C ILE A 48 -4.64 21.32 -13.65
N CYS A 49 -5.13 20.20 -14.18
CA CYS A 49 -4.77 18.89 -13.68
C CYS A 49 -4.85 17.80 -14.73
N PHE A 50 -4.07 16.76 -14.51
CA PHE A 50 -4.10 15.52 -15.28
C PHE A 50 -4.65 14.46 -14.39
N GLU A 51 -5.66 13.77 -14.88
CA GLU A 51 -6.41 12.84 -14.05
C GLU A 51 -6.46 11.47 -14.75
N VAL A 52 -6.01 10.45 -14.03
CA VAL A 52 -6.11 9.06 -14.49
C VAL A 52 -7.12 8.39 -13.60
N ALA A 53 -8.09 7.66 -14.16
CA ALA A 53 -9.07 6.92 -13.35
C ALA A 53 -9.25 5.48 -13.86
N SER A 54 -9.30 4.55 -12.94
CA SER A 54 -9.26 3.15 -13.27
C SER A 54 -10.32 2.44 -12.51
N ILE A 55 -11.10 1.66 -13.25
CA ILE A 55 -12.19 0.84 -12.71
C ILE A 55 -11.89 -0.61 -13.11
N PRO A 56 -12.17 -1.55 -12.23
CA PRO A 56 -12.21 -2.96 -12.60
C PRO A 56 -13.15 -3.19 -13.80
N TYR A 57 -12.65 -3.85 -14.83
CA TYR A 57 -13.39 -3.93 -16.10
C TYR A 57 -14.64 -4.78 -15.91
N SER A 58 -14.48 -5.74 -15.02
CA SER A 58 -15.57 -6.58 -14.60
C SER A 58 -16.73 -5.80 -14.00
N LEU A 59 -16.54 -4.57 -13.55
CA LEU A 59 -17.59 -3.92 -12.79
C LEU A 59 -18.66 -3.37 -13.73
N VAL A 60 -18.38 -3.35 -15.03
CA VAL A 60 -19.42 -3.47 -16.05
C VAL A 60 -18.70 -3.33 -17.41
N LYS A 83 -24.78 2.11 -4.46
CA LYS A 83 -24.36 1.18 -3.39
C LYS A 83 -22.94 1.55 -2.85
N ILE A 84 -22.69 2.85 -2.85
CA ILE A 84 -21.37 3.42 -2.66
C ILE A 84 -21.12 4.10 -1.31
N GLY A 85 -20.15 5.00 -1.29
CA GLY A 85 -19.63 5.56 -0.06
C GLY A 85 -19.07 4.35 0.61
N HIS A 86 -17.87 4.39 1.16
CA HIS A 86 -17.08 5.59 1.38
C HIS A 86 -15.94 5.72 0.40
N SER A 87 -15.11 6.72 0.59
CA SER A 87 -13.91 6.86 -0.21
C SER A 87 -12.90 7.62 0.59
N ASN A 88 -11.64 7.52 0.22
CA ASN A 88 -10.67 8.32 0.91
C ASN A 88 -9.46 8.76 0.11
N GLN A 89 -8.85 9.84 0.60
CA GLN A 89 -7.88 10.55 -0.17
C GLN A 89 -6.54 10.74 0.47
N THR A 90 -5.59 11.01 -0.39
CA THR A 90 -4.21 11.07 0.00
C THR A 90 -3.55 12.15 -0.85
N ILE A 91 -2.59 12.85 -0.29
CA ILE A 91 -1.85 13.82 -1.05
C ILE A 91 -0.41 13.56 -0.95
N SER A 92 0.32 13.82 -2.00
CA SER A 92 1.74 13.79 -1.90
C SER A 92 2.27 14.63 -2.99
N ALA A 93 3.53 14.45 -3.30
CA ALA A 93 4.16 15.28 -4.28
C ALA A 93 5.04 14.47 -5.15
N VAL A 94 5.01 14.79 -6.42
CA VAL A 94 5.68 13.99 -7.39
C VAL A 94 6.42 14.88 -8.34
N GLN A 95 7.37 14.31 -9.06
CA GLN A 95 8.01 15.05 -10.14
C GLN A 95 7.21 14.95 -11.40
N ALA A 96 7.19 16.02 -12.18
CA ALA A 96 6.49 16.01 -13.46
C ALA A 96 7.28 15.14 -14.42
N SER A 97 6.73 14.01 -14.84
CA SER A 97 7.31 13.25 -15.94
C SER A 97 7.26 14.08 -17.20
N GLU A 98 7.84 13.57 -18.28
CA GLU A 98 7.92 14.34 -19.52
C GLU A 98 6.57 14.42 -20.18
N GLN A 99 5.90 13.27 -20.24
CA GLN A 99 4.52 13.14 -20.72
C GLN A 99 3.65 14.19 -20.03
N ILE A 100 3.65 14.15 -18.71
CA ILE A 100 2.83 15.05 -17.92
C ILE A 100 3.27 16.52 -18.02
N ALA A 101 4.57 16.80 -18.04
CA ALA A 101 5.03 18.20 -18.17
C ALA A 101 4.48 18.81 -19.42
N GLU A 102 4.42 17.99 -20.43
CA GLU A 102 3.91 18.43 -21.71
C GLU A 102 2.40 18.67 -21.62
N TYR A 103 1.66 17.68 -21.14
CA TYR A 103 0.23 17.79 -20.96
C TYR A 103 -0.16 19.01 -20.17
N LEU A 104 0.59 19.34 -19.14
CA LEU A 104 0.22 20.47 -18.32
C LEU A 104 1.07 21.74 -18.53
N GLU A 105 1.89 21.78 -19.57
CA GLU A 105 2.64 23.00 -19.90
C GLU A 105 3.48 23.46 -18.72
N ILE A 106 4.38 22.59 -18.27
CA ILE A 106 5.30 22.85 -17.17
C ILE A 106 6.59 22.05 -17.52
N LYS A 107 7.66 22.10 -16.71
CA LYS A 107 8.95 21.42 -17.07
C LYS A 107 9.13 20.05 -16.42
N ARG A 108 9.66 19.06 -17.16
CA ARG A 108 10.04 17.76 -16.59
C ARG A 108 10.76 18.04 -15.27
N GLY A 109 10.42 17.32 -14.24
CA GLY A 109 11.08 17.51 -12.96
C GLY A 109 10.45 18.51 -11.99
N ASP A 110 9.63 19.43 -12.45
CA ASP A 110 8.90 20.30 -11.52
C ASP A 110 8.18 19.48 -10.48
N ALA A 111 8.09 20.02 -9.27
CA ALA A 111 7.40 19.32 -8.14
C ALA A 111 5.89 19.63 -8.22
N ILE A 112 5.06 18.59 -8.29
CA ILE A 112 3.64 18.83 -8.34
C ILE A 112 2.87 18.03 -7.34
N LEU A 113 1.82 18.65 -6.82
CA LEU A 113 0.90 17.95 -5.95
C LEU A 113 0.21 16.82 -6.73
N ARG A 114 0.07 15.70 -6.04
CA ARG A 114 -0.67 14.56 -6.54
C ARG A 114 -1.67 14.04 -5.49
N VAL A 115 -2.94 13.92 -5.86
CA VAL A 115 -4.00 13.44 -4.98
C VAL A 115 -4.42 12.06 -5.45
N ARG A 116 -4.68 11.19 -4.51
CA ARG A 116 -5.13 9.85 -4.83
C ARG A 116 -6.42 9.64 -4.12
N GLN A 117 -7.39 9.09 -4.83
CA GLN A 117 -8.69 8.75 -4.29
C GLN A 117 -9.04 7.32 -4.70
N VAL A 118 -9.45 6.52 -3.72
CA VAL A 118 -10.00 5.19 -3.94
C VAL A 118 -11.40 5.24 -3.38
N SER A 119 -12.37 4.81 -4.17
CA SER A 119 -13.74 4.72 -3.72
C SER A 119 -14.10 3.23 -3.54
N TYR A 120 -14.87 2.94 -2.49
CA TYR A 120 -15.28 1.57 -2.09
C TYR A 120 -16.79 1.37 -2.03
N PHE A 121 -17.29 0.17 -2.31
CA PHE A 121 -18.69 -0.16 -1.99
C PHE A 121 -18.78 -0.42 -0.50
N GLU A 122 -20.01 -0.40 0.03
CA GLU A 122 -20.23 -0.69 1.49
C GLU A 122 -19.49 -1.95 1.96
N ASN A 123 -19.51 -3.01 1.15
CA ASN A 123 -18.77 -4.23 1.54
C ASN A 123 -17.28 -4.00 1.82
N GLY A 124 -16.66 -2.96 1.23
CA GLY A 124 -15.19 -2.78 1.28
C GLY A 124 -14.52 -2.96 -0.09
N LEU A 125 -15.26 -3.46 -1.08
CA LEU A 125 -14.70 -3.72 -2.41
C LEU A 125 -14.39 -2.39 -3.11
N PRO A 126 -13.11 -2.24 -3.53
CA PRO A 126 -12.67 -1.03 -4.18
C PRO A 126 -13.21 -1.06 -5.57
N PHE A 127 -13.76 0.05 -6.03
CA PHE A 127 -14.24 0.13 -7.38
C PHE A 127 -13.80 1.31 -8.21
N GLU A 128 -12.90 2.17 -7.74
CA GLU A 128 -12.35 3.19 -8.63
C GLU A 128 -11.16 3.86 -7.99
N TYR A 129 -10.09 4.01 -8.77
CA TYR A 129 -8.87 4.57 -8.27
C TYR A 129 -8.47 5.74 -9.15
N VAL A 130 -8.54 6.94 -8.60
CA VAL A 130 -8.23 8.12 -9.40
C VAL A 130 -7.06 8.87 -8.88
N ARG A 131 -6.23 9.31 -9.79
CA ARG A 131 -5.00 9.98 -9.43
C ARG A 131 -4.96 11.32 -10.15
N THR A 132 -5.00 12.39 -9.38
CA THR A 132 -4.97 13.71 -9.98
C THR A 132 -3.68 14.42 -9.66
N GLN A 133 -3.09 14.96 -10.71
CA GLN A 133 -1.77 15.50 -10.65
C GLN A 133 -1.88 16.94 -11.22
N TYR A 134 -1.43 17.91 -10.45
CA TYR A 134 -1.66 19.35 -10.71
C TYR A 134 -0.61 20.09 -11.49
N ALA A 135 -1.00 21.03 -12.34
CA ALA A 135 -0.05 21.84 -13.08
C ALA A 135 0.68 22.81 -12.14
N GLY A 136 1.99 22.69 -12.02
CA GLY A 136 2.73 23.45 -11.02
C GLY A 136 2.19 23.03 -9.68
N SER A 137 2.96 23.09 -8.61
CA SER A 137 4.12 23.92 -8.48
C SER A 137 3.51 25.25 -8.69
N ARG A 138 2.98 25.77 -7.62
CA ARG A 138 2.28 27.02 -7.68
C ARG A 138 1.01 26.75 -6.99
N PHE A 139 0.41 25.60 -7.26
CA PHE A 139 -0.81 25.16 -6.57
C PHE A 139 -0.67 24.79 -5.09
N GLU A 140 -1.69 25.08 -4.33
CA GLU A 140 -1.72 24.93 -2.89
C GLU A 140 -3.09 24.46 -2.44
N PHE A 141 -3.16 23.69 -1.39
CA PHE A 141 -4.44 23.45 -0.73
C PHE A 141 -4.38 23.96 0.66
N TYR A 142 -5.53 24.26 1.20
CA TYR A 142 -5.64 24.88 2.46
C TYR A 142 -6.68 24.17 3.33
N LEU A 143 -6.29 23.56 4.44
CA LEU A 143 -7.22 22.84 5.33
C LEU A 143 -7.35 23.53 6.67
N GLU A 144 -8.44 23.29 7.40
CA GLU A 144 -8.80 23.97 8.66
C GLU A 144 -9.27 22.96 9.70
N LYS A 145 -8.91 23.03 10.98
CA LYS A 145 -9.38 22.02 11.99
C LYS A 145 -9.85 22.56 13.35
N SER B 7 11.89 6.65 15.52
CA SER B 7 12.92 7.59 16.07
C SER B 7 12.84 8.95 15.42
N SER B 8 13.37 9.94 16.16
CA SER B 8 13.41 11.33 15.72
C SER B 8 14.71 11.94 16.22
N ARG B 9 15.21 12.92 15.49
CA ARG B 9 16.50 13.53 15.79
C ARG B 9 16.39 15.08 15.75
N THR B 10 16.64 15.74 16.88
CA THR B 10 16.70 17.20 16.88
C THR B 10 17.98 17.70 16.27
N VAL B 11 17.89 18.23 15.06
CA VAL B 11 19.01 18.89 14.38
C VAL B 11 19.43 20.27 14.94
N SER B 12 18.48 21.08 15.41
CA SER B 12 18.85 22.29 16.14
C SER B 12 17.74 22.76 17.09
N TYR B 13 18.10 23.65 17.99
CA TYR B 13 17.23 23.98 19.08
C TYR B 13 17.77 25.20 19.80
N PHE B 14 17.10 26.33 19.64
CA PHE B 14 17.55 27.57 20.24
C PHE B 14 16.53 28.68 20.16
N VAL B 15 16.74 29.67 20.99
CA VAL B 15 15.87 30.80 21.11
C VAL B 15 16.32 31.93 20.19
N ALA B 16 15.37 32.57 19.54
CA ALA B 16 15.67 33.62 18.58
C ALA B 16 14.59 34.65 18.66
N LYS B 17 14.88 35.83 18.15
CA LYS B 17 13.86 36.82 18.01
C LYS B 17 13.22 36.45 16.68
N PRO B 18 11.93 36.66 16.54
CA PRO B 18 11.28 36.07 15.40
C PRO B 18 11.56 36.78 14.11
N SER B 19 11.54 36.04 13.01
CA SER B 19 11.52 36.62 11.66
C SER B 19 10.15 37.26 11.33
N SER B 20 10.04 37.92 10.18
CA SER B 20 8.75 38.49 9.78
C SER B 20 7.61 37.47 9.71
N SER B 21 7.85 36.37 9.02
CA SER B 21 6.77 35.42 8.85
C SER B 21 6.45 34.86 10.25
N GLU B 22 7.47 34.75 11.10
CA GLU B 22 7.20 34.22 12.41
C GLU B 22 6.38 35.23 13.21
N MET B 23 6.65 36.52 13.05
CA MET B 23 5.89 37.56 13.77
C MET B 23 4.43 37.51 13.33
N GLU B 24 4.25 37.46 12.04
CA GLU B 24 2.95 37.48 11.44
C GLU B 24 2.08 36.26 11.89
N LYS B 25 2.59 35.03 11.70
CA LYS B 25 1.84 33.82 12.01
C LYS B 25 1.66 33.57 13.51
N LEU B 26 2.63 33.96 14.32
CA LEU B 26 2.54 33.71 15.74
C LEU B 26 2.02 34.96 16.44
N GLN B 27 1.85 36.03 15.66
CA GLN B 27 1.27 37.27 16.10
C GLN B 27 2.08 37.77 17.25
N LEU B 28 3.27 38.23 16.93
CA LEU B 28 4.27 38.56 17.91
C LEU B 28 5.00 39.75 17.37
N GLY B 29 5.46 40.58 18.27
CA GLY B 29 6.22 41.74 17.88
C GLY B 29 7.66 41.31 17.71
N PRO B 30 8.47 42.20 17.13
CA PRO B 30 9.86 41.86 17.07
C PRO B 30 10.19 41.85 18.54
N GLU B 31 11.25 41.19 18.96
CA GLU B 31 11.56 41.22 20.40
C GLU B 31 10.80 40.25 21.28
N ASP B 32 9.67 39.68 20.84
CA ASP B 32 9.15 38.48 21.53
C ASP B 32 9.93 37.25 21.08
N SER B 33 10.72 36.67 21.97
CA SER B 33 11.44 35.47 21.64
C SER B 33 10.53 34.34 21.30
N ILE B 34 11.04 33.49 20.41
CA ILE B 34 10.43 32.22 20.03
C ILE B 34 11.48 31.14 20.25
N LEU B 35 11.02 29.91 20.42
CA LEU B 35 11.88 28.74 20.45
C LEU B 35 11.85 28.18 19.06
N ARG B 36 12.99 27.93 18.48
CA ARG B 36 13.01 27.45 17.13
C ARG B 36 13.70 26.16 17.14
N MET B 37 13.05 25.14 16.62
CA MET B 37 13.59 23.79 16.63
C MET B 37 13.37 23.09 15.30
N GLU B 38 14.38 22.32 14.92
CA GLU B 38 14.42 21.64 13.63
C GLU B 38 14.62 20.19 13.94
N ARG B 39 13.96 19.34 13.17
CA ARG B 39 13.84 17.96 13.55
C ARG B 39 13.64 17.06 12.33
N ILE B 40 14.36 15.93 12.27
CA ILE B 40 14.14 14.86 11.28
C ILE B 40 13.46 13.65 11.97
N ARG B 41 12.44 13.09 11.33
CA ARG B 41 11.79 11.84 11.77
C ARG B 41 12.01 10.75 10.75
N PHE B 42 12.10 9.52 11.28
CA PHE B 42 12.49 8.32 10.53
C PHE B 42 11.40 7.29 10.67
N ALA B 43 11.16 6.50 9.63
CA ALA B 43 10.43 5.23 9.73
C ALA B 43 11.41 4.17 9.25
N ASP B 44 11.56 3.11 10.04
CA ASP B 44 12.39 1.96 9.66
C ASP B 44 13.75 2.55 9.26
N ASP B 45 14.24 3.45 10.10
CA ASP B 45 15.52 4.14 9.87
C ASP B 45 15.74 4.92 8.58
N ILE B 46 14.68 5.14 7.83
CA ILE B 46 14.77 6.03 6.69
C ILE B 46 14.02 7.32 7.08
N PRO B 47 14.66 8.48 6.82
CA PRO B 47 14.00 9.74 7.15
C PRO B 47 12.78 9.98 6.29
N ILE B 48 11.65 10.29 6.93
CA ILE B 48 10.43 10.62 6.24
C ILE B 48 10.34 12.14 6.06
N CYS B 49 10.83 12.93 7.01
CA CYS B 49 10.48 14.33 7.04
C CYS B 49 11.37 15.22 7.88
N PHE B 50 11.38 16.48 7.51
CA PHE B 50 12.14 17.50 8.23
C PHE B 50 11.17 18.61 8.59
N GLU B 51 11.19 18.99 9.84
CA GLU B 51 10.23 19.96 10.35
C GLU B 51 10.93 21.12 11.07
N VAL B 52 10.59 22.34 10.72
CA VAL B 52 10.96 23.50 11.52
C VAL B 52 9.76 23.90 12.35
N ALA B 53 9.95 24.08 13.64
CA ALA B 53 8.87 24.52 14.47
C ALA B 53 9.28 25.75 15.28
N SER B 54 8.40 26.73 15.31
CA SER B 54 8.62 27.92 16.10
C SER B 54 7.49 28.13 17.10
N ILE B 55 7.84 28.25 18.38
CA ILE B 55 6.87 28.39 19.47
C ILE B 55 7.24 29.69 20.23
N PRO B 56 6.25 30.50 20.59
CA PRO B 56 6.50 31.68 21.38
C PRO B 56 7.28 31.27 22.61
N TYR B 57 8.38 31.94 22.92
CA TYR B 57 9.22 31.44 24.00
C TYR B 57 8.51 31.63 25.33
N SER B 58 7.63 32.60 25.44
CA SER B 58 7.01 32.85 26.72
C SER B 58 6.07 31.74 27.13
N LEU B 59 5.50 30.97 26.21
CA LEU B 59 4.63 29.86 26.61
C LEU B 59 5.39 28.63 27.07
N VAL B 60 6.71 28.66 26.95
CA VAL B 60 7.46 27.40 26.98
C VAL B 60 8.71 27.45 27.86
N SER B 61 9.08 28.68 28.30
CA SER B 61 10.18 28.94 29.19
C SER B 61 10.32 27.91 30.24
N GLN B 62 9.19 27.45 30.77
CA GLN B 62 9.19 26.70 32.01
C GLN B 62 9.18 25.21 31.75
N TYR B 63 9.02 24.80 30.52
CA TYR B 63 9.07 23.37 30.25
C TYR B 63 10.50 23.03 29.97
N GLY B 64 10.83 21.76 29.97
CA GLY B 64 12.16 21.32 29.68
C GLY B 64 12.14 20.67 28.32
N LYS B 65 13.31 20.60 27.73
CA LYS B 65 13.53 20.22 26.34
C LYS B 65 12.78 18.97 25.91
N SER B 66 12.80 17.96 26.78
CA SER B 66 12.18 16.64 26.49
C SER B 66 10.70 16.79 26.29
N GLU B 67 10.06 17.51 27.22
CA GLU B 67 8.63 17.82 27.16
C GLU B 67 8.37 18.48 25.85
N ILE B 68 9.10 19.55 25.59
CA ILE B 68 8.90 20.29 24.33
C ILE B 68 9.09 19.43 23.12
N THR B 69 10.09 18.57 23.12
CA THR B 69 10.45 17.80 21.93
C THR B 69 9.55 16.61 21.72
N ASN B 70 9.19 15.89 22.78
CA ASN B 70 8.40 14.64 22.63
C ASN B 70 6.93 14.71 23.12
N SER B 71 6.55 15.71 23.89
CA SER B 71 5.25 15.67 24.58
C SER B 71 4.58 17.01 24.47
N PHE B 72 4.75 17.65 23.33
CA PHE B 72 4.45 19.08 23.25
C PHE B 72 2.98 19.34 23.55
N TYR B 73 2.13 18.61 22.84
CA TYR B 73 0.70 18.81 22.98
C TYR B 73 0.23 18.41 24.37
N LYS B 74 0.53 17.17 24.77
CA LYS B 74 0.36 16.69 26.16
C LYS B 74 0.80 17.75 27.17
N THR B 75 2.06 18.14 27.09
CA THR B 75 2.62 19.01 28.11
C THR B 75 1.87 20.30 28.16
N LEU B 76 1.49 20.79 26.99
CA LEU B 76 0.88 22.12 26.86
C LEU B 76 -0.45 22.17 27.60
N GLU B 77 -1.28 21.16 27.33
CA GLU B 77 -2.58 20.99 27.95
C GLU B 77 -2.51 20.54 29.41
N ALA B 78 -1.69 19.55 29.73
CA ALA B 78 -1.42 19.25 31.16
C ALA B 78 -1.02 20.49 31.99
N LYS B 79 -0.42 21.51 31.38
CA LYS B 79 0.18 22.58 32.18
C LYS B 79 -0.38 23.98 31.95
N SER B 80 -0.52 24.40 30.69
CA SER B 80 -0.61 25.85 30.39
C SER B 80 -1.91 26.49 30.88
N GLY B 81 -2.88 25.63 31.23
CA GLY B 81 -4.24 26.05 31.51
C GLY B 81 -4.73 26.73 30.24
N HIS B 82 -4.83 25.94 29.18
CA HIS B 82 -5.39 26.38 27.91
C HIS B 82 -5.71 25.10 27.16
N LYS B 83 -6.59 25.22 26.19
CA LYS B 83 -6.92 24.08 25.35
C LYS B 83 -6.46 24.34 23.92
N ILE B 84 -5.91 23.30 23.33
CA ILE B 84 -5.55 23.34 21.93
C ILE B 84 -6.80 23.56 21.06
N GLY B 85 -6.89 24.71 20.37
CA GLY B 85 -8.06 25.04 19.55
C GLY B 85 -7.92 24.66 18.07
N HIS B 86 -8.21 25.60 17.19
CA HIS B 86 -8.15 25.31 15.76
C HIS B 86 -6.73 25.18 15.24
N SER B 87 -6.57 24.58 14.08
CA SER B 87 -5.31 24.66 13.36
C SER B 87 -5.61 24.84 11.87
N ASN B 88 -4.63 25.30 11.13
CA ASN B 88 -4.80 25.38 9.69
C ASN B 88 -3.49 25.04 8.94
N GLN B 89 -3.63 24.55 7.74
CA GLN B 89 -2.54 23.91 7.03
C GLN B 89 -2.58 24.33 5.58
N THR B 90 -1.42 24.48 4.99
CA THR B 90 -1.31 24.85 3.59
C THR B 90 -0.34 23.88 2.99
N ILE B 91 -0.85 23.09 2.05
CA ILE B 91 -0.11 21.99 1.46
C ILE B 91 0.35 22.37 0.07
N SER B 92 1.64 22.24 -0.20
CA SER B 92 2.17 22.50 -1.53
C SER B 92 3.24 21.50 -1.83
N ALA B 93 3.75 21.56 -3.04
CA ALA B 93 4.77 20.67 -3.54
C ALA B 93 6.00 21.51 -3.92
N VAL B 94 7.18 21.07 -3.53
CA VAL B 94 8.39 21.82 -3.75
C VAL B 94 9.57 20.88 -4.05
N GLN B 95 10.54 21.36 -4.80
CA GLN B 95 11.76 20.58 -5.01
C GLN B 95 12.67 20.58 -3.79
N ALA B 96 13.36 19.48 -3.51
CA ALA B 96 14.29 19.43 -2.37
C ALA B 96 15.49 20.32 -2.61
N SER B 97 15.81 21.17 -1.64
CA SER B 97 17.07 21.94 -1.63
C SER B 97 18.26 20.99 -1.32
N GLU B 98 19.47 21.50 -1.53
CA GLU B 98 20.65 20.68 -1.31
C GLU B 98 20.61 20.22 0.12
N GLN B 99 20.36 21.20 0.99
CA GLN B 99 20.27 21.02 2.43
C GLN B 99 19.23 19.96 2.85
N ILE B 100 17.99 20.17 2.43
CA ILE B 100 16.94 19.21 2.77
C ILE B 100 17.18 17.87 2.12
N ALA B 101 17.84 17.87 0.96
CA ALA B 101 18.26 16.62 0.37
C ALA B 101 19.22 15.88 1.30
N GLU B 102 20.27 16.57 1.79
CA GLU B 102 21.24 15.94 2.71
C GLU B 102 20.50 15.36 3.86
N TYR B 103 19.64 16.17 4.50
CA TYR B 103 18.89 15.71 5.68
C TYR B 103 17.95 14.54 5.43
N LEU B 104 17.27 14.56 4.30
CA LEU B 104 16.30 13.51 4.03
C LEU B 104 16.90 12.36 3.24
N GLU B 105 18.18 12.47 2.89
CA GLU B 105 18.87 11.39 2.19
C GLU B 105 18.15 11.13 0.89
N ILE B 106 18.04 12.18 0.09
CA ILE B 106 17.49 12.13 -1.26
C ILE B 106 18.30 13.13 -2.04
N LYS B 107 17.91 13.41 -3.29
CA LYS B 107 18.70 14.29 -4.20
C LYS B 107 18.12 15.70 -4.35
N ARG B 108 18.97 16.74 -4.49
CA ARG B 108 18.50 18.10 -4.89
C ARG B 108 17.51 17.80 -6.03
N GLY B 109 16.39 18.52 -6.07
CA GLY B 109 15.44 18.35 -7.13
C GLY B 109 14.26 17.48 -6.79
N ASP B 110 14.46 16.52 -5.89
CA ASP B 110 13.42 15.54 -5.58
C ASP B 110 12.19 16.19 -4.99
N ALA B 111 11.09 15.49 -5.07
CA ALA B 111 9.76 16.04 -4.82
C ALA B 111 9.41 16.08 -3.36
N ILE B 112 9.05 17.27 -2.87
CA ILE B 112 8.74 17.46 -1.44
C ILE B 112 7.31 17.89 -1.26
N LEU B 113 6.63 17.25 -0.33
CA LEU B 113 5.29 17.68 0.05
C LEU B 113 5.51 18.57 1.24
N ARG B 114 5.08 19.81 1.11
CA ARG B 114 5.31 20.80 2.13
C ARG B 114 4.06 21.13 2.83
N VAL B 115 4.11 21.08 4.13
CA VAL B 115 2.97 21.50 4.93
C VAL B 115 3.43 22.58 5.86
N ARG B 116 2.78 23.71 5.81
CA ARG B 116 2.97 24.74 6.78
C ARG B 116 1.70 24.85 7.58
N GLN B 117 1.85 24.96 8.88
CA GLN B 117 0.73 24.96 9.78
C GLN B 117 0.87 25.96 10.91
N VAL B 118 -0.22 26.68 11.24
CA VAL B 118 -0.35 27.43 12.49
C VAL B 118 -1.44 26.80 13.37
N SER B 119 -1.18 26.69 14.66
CA SER B 119 -2.13 26.11 15.58
C SER B 119 -2.41 27.11 16.67
N TYR B 120 -3.64 27.06 17.18
CA TYR B 120 -4.11 28.09 18.09
C TYR B 120 -4.70 27.52 19.36
N PHE B 121 -4.70 28.30 20.43
CA PHE B 121 -5.50 27.92 21.58
C PHE B 121 -6.99 28.18 21.29
N GLU B 122 -7.85 27.46 22.01
CA GLU B 122 -9.28 27.77 22.02
C GLU B 122 -9.52 29.25 22.22
N ASN B 123 -8.59 29.99 22.82
CA ASN B 123 -8.83 31.41 22.95
C ASN B 123 -8.30 32.25 21.80
N GLY B 124 -7.92 31.62 20.69
CA GLY B 124 -7.42 32.36 19.51
C GLY B 124 -5.92 32.67 19.42
N LEU B 125 -5.16 32.40 20.48
CA LEU B 125 -3.69 32.68 20.53
C LEU B 125 -2.89 31.61 19.79
N PRO B 126 -2.08 32.02 18.79
CA PRO B 126 -1.14 31.11 18.14
C PRO B 126 -0.15 30.52 19.12
N PHE B 127 0.16 29.24 18.97
CA PHE B 127 1.21 28.67 19.76
C PHE B 127 2.23 27.87 18.97
N GLU B 128 2.13 27.86 17.66
CA GLU B 128 2.94 26.96 16.88
C GLU B 128 2.97 27.46 15.45
N TYR B 129 4.14 27.52 14.83
CA TYR B 129 4.21 27.71 13.38
C TYR B 129 5.13 26.63 12.86
N VAL B 130 4.59 25.69 12.15
CA VAL B 130 5.33 24.45 11.89
C VAL B 130 5.42 24.26 10.40
N ARG B 131 6.60 23.92 9.93
CA ARG B 131 6.82 23.91 8.48
C ARG B 131 7.55 22.62 8.23
N THR B 132 6.85 21.71 7.58
CA THR B 132 7.34 20.39 7.42
C THR B 132 7.53 20.05 5.97
N GLN B 133 8.60 19.33 5.71
CA GLN B 133 8.97 18.96 4.39
C GLN B 133 9.12 17.41 4.36
N TYR B 134 8.18 16.74 3.69
CA TYR B 134 8.16 15.26 3.59
C TYR B 134 8.76 14.83 2.24
N ALA B 135 9.58 13.78 2.26
CA ALA B 135 10.00 13.09 1.05
C ALA B 135 8.77 12.53 0.33
N GLY B 136 8.50 13.01 -0.88
CA GLY B 136 7.28 12.72 -1.61
C GLY B 136 7.03 11.23 -1.74
N SER B 137 8.09 10.55 -2.16
CA SER B 137 8.05 9.15 -2.50
C SER B 137 7.87 8.25 -1.26
N ARG B 138 8.24 8.77 -0.11
CA ARG B 138 8.12 8.02 1.10
C ARG B 138 6.94 8.41 1.92
N PHE B 139 6.09 9.30 1.42
CA PHE B 139 5.02 9.79 2.27
C PHE B 139 3.70 10.02 1.56
N GLU B 140 2.62 9.90 2.31
CA GLU B 140 1.28 10.24 1.90
C GLU B 140 0.53 10.94 3.00
N PHE B 141 -0.12 12.04 2.75
CA PHE B 141 -0.84 12.76 3.79
C PHE B 141 -2.30 12.36 3.67
N TYR B 142 -2.87 11.86 4.76
CA TYR B 142 -4.22 11.33 4.73
C TYR B 142 -5.23 12.41 5.08
N LEU B 143 -6.09 12.77 4.15
CA LEU B 143 -7.15 13.69 4.46
C LEU B 143 -8.07 13.17 5.55
N GLU B 144 -8.43 14.03 6.50
CA GLU B 144 -9.25 13.68 7.65
C GLU B 144 -10.67 13.40 7.16
N LYS B 145 -11.22 12.24 7.54
CA LYS B 145 -12.51 11.75 6.99
C LYS B 145 -13.64 12.75 7.29
N GLN C 2 -8.45 -31.07 15.11
CA GLN C 2 -7.12 -31.33 15.79
C GLN C 2 -7.26 -31.58 17.37
N ASN C 3 -8.25 -30.91 18.02
CA ASN C 3 -8.56 -31.01 19.47
C ASN C 3 -7.53 -30.53 20.52
N ARG C 4 -6.52 -29.75 20.13
CA ARG C 4 -5.42 -29.38 21.05
C ARG C 4 -5.70 -28.16 21.88
N VAL C 5 -5.05 -28.02 23.04
CA VAL C 5 -5.40 -26.89 23.91
C VAL C 5 -4.57 -25.68 23.54
N PRO C 6 -5.21 -24.60 23.15
CA PRO C 6 -4.48 -23.44 22.69
C PRO C 6 -4.02 -22.54 23.82
N SER C 7 -2.92 -21.84 23.59
CA SER C 7 -2.35 -20.92 24.56
C SER C 7 -1.53 -19.87 23.82
N SER C 8 -1.07 -18.86 24.55
CA SER C 8 -0.29 -17.80 23.92
C SER C 8 0.66 -17.20 24.93
N ARG C 9 1.73 -16.59 24.41
CA ARG C 9 2.61 -15.68 25.17
C ARG C 9 2.70 -14.30 24.50
N THR C 10 2.33 -13.24 25.22
CA THR C 10 2.59 -11.90 24.72
C THR C 10 4.09 -11.68 24.86
N VAL C 11 4.75 -11.40 23.75
CA VAL C 11 6.19 -11.26 23.69
C VAL C 11 6.57 -9.79 23.83
N SER C 12 5.79 -8.86 23.26
CA SER C 12 5.93 -7.44 23.56
C SER C 12 4.63 -6.67 23.47
N TYR C 13 4.56 -5.62 24.24
CA TYR C 13 3.42 -4.75 24.32
C TYR C 13 4.07 -3.40 24.62
N PHE C 14 4.03 -2.45 23.66
CA PHE C 14 4.61 -1.11 23.86
C PHE C 14 3.93 -0.13 22.99
N VAL C 15 4.10 1.14 23.35
CA VAL C 15 3.70 2.28 22.53
C VAL C 15 4.89 2.76 21.72
N ALA C 16 4.67 3.07 20.44
CA ALA C 16 5.77 3.42 19.54
C ALA C 16 5.28 4.20 18.33
N LYS C 17 6.25 4.72 17.59
CA LYS C 17 5.95 5.47 16.38
C LYS C 17 5.99 4.43 15.33
N PRO C 18 5.10 4.51 14.35
CA PRO C 18 4.83 3.46 13.42
C PRO C 18 5.92 3.18 12.40
N SER C 19 5.89 1.97 11.85
CA SER C 19 6.67 1.68 10.67
C SER C 19 5.92 2.27 9.49
N SER C 20 6.59 2.19 8.34
CA SER C 20 5.98 2.67 7.07
C SER C 20 4.73 1.88 6.75
N SER C 21 4.81 0.59 6.99
CA SER C 21 3.69 -0.29 6.71
C SER C 21 2.53 0.12 7.58
N GLU C 22 2.82 0.27 8.87
CA GLU C 22 1.83 0.77 9.79
C GLU C 22 1.26 2.16 9.38
N MET C 23 2.12 3.08 8.99
CA MET C 23 1.64 4.39 8.42
C MET C 23 0.66 4.21 7.28
N GLU C 24 1.09 3.39 6.32
CA GLU C 24 0.27 3.09 5.18
C GLU C 24 -1.07 2.49 5.64
N LYS C 25 -1.07 1.44 6.43
CA LYS C 25 -2.32 0.69 6.61
C LYS C 25 -3.19 1.34 7.64
N LEU C 26 -2.59 2.01 8.59
CA LEU C 26 -3.38 2.66 9.62
C LEU C 26 -3.66 4.14 9.31
N GLN C 27 -3.25 4.59 8.11
CA GLN C 27 -3.38 5.98 7.62
C GLN C 27 -2.89 7.00 8.63
N LEU C 28 -1.60 6.89 8.97
CA LEU C 28 -1.01 7.67 10.03
C LEU C 28 0.23 8.37 9.55
N GLY C 29 0.67 9.32 10.38
CA GLY C 29 1.89 10.02 10.19
C GLY C 29 2.98 9.45 11.05
N PRO C 30 4.21 9.82 10.75
CA PRO C 30 5.33 9.30 11.56
C PRO C 30 5.25 9.66 13.03
N GLU C 31 4.59 10.77 13.34
CA GLU C 31 4.51 11.24 14.72
C GLU C 31 3.34 10.63 15.47
N ASP C 32 2.35 10.09 14.76
CA ASP C 32 1.20 9.44 15.42
C ASP C 32 1.55 8.12 16.13
N SER C 33 1.51 8.11 17.45
CA SER C 33 1.76 6.87 18.17
C SER C 33 0.70 5.76 17.92
N ILE C 34 1.22 4.54 17.96
CA ILE C 34 0.43 3.29 17.87
C ILE C 34 0.75 2.42 19.03
N LEU C 35 -0.27 1.69 19.45
CA LEU C 35 -0.09 0.68 20.48
C LEU C 35 0.02 -0.66 19.81
N ARG C 36 1.05 -1.41 20.19
CA ARG C 36 1.47 -2.58 19.46
C ARG C 36 1.70 -3.81 20.34
N MET C 37 1.01 -4.90 19.98
CA MET C 37 1.07 -6.18 20.67
C MET C 37 1.65 -7.24 19.80
N GLU C 38 2.52 -8.07 20.38
CA GLU C 38 3.14 -9.18 19.69
C GLU C 38 2.97 -10.39 20.58
N ARG C 39 2.60 -11.52 19.99
CA ARG C 39 2.02 -12.65 20.72
C ARG C 39 2.35 -13.90 19.90
N ILE C 40 2.81 -14.98 20.54
CA ILE C 40 2.97 -16.28 19.88
C ILE C 40 1.77 -17.11 20.26
N ARG C 41 1.16 -17.82 19.31
CA ARG C 41 0.05 -18.68 19.66
C ARG C 41 0.42 -20.11 19.44
N PHE C 42 0.19 -20.91 20.48
CA PHE C 42 0.49 -22.32 20.45
C PHE C 42 -0.75 -23.13 20.46
N ALA C 43 -0.64 -24.33 19.92
CA ALA C 43 -1.66 -25.32 19.97
C ALA C 43 -0.96 -26.45 20.67
N ASP C 44 -1.31 -26.65 21.93
CA ASP C 44 -0.65 -27.64 22.72
C ASP C 44 0.86 -27.47 22.73
N ASP C 45 1.39 -26.29 23.00
CA ASP C 45 2.85 -26.18 23.04
C ASP C 45 3.63 -26.32 21.70
N ILE C 46 2.96 -26.62 20.60
CA ILE C 46 3.57 -26.38 19.31
C ILE C 46 3.29 -24.92 18.95
N PRO C 47 4.33 -24.14 18.58
CA PRO C 47 4.04 -22.80 18.05
C PRO C 47 3.36 -22.89 16.72
N ILE C 48 2.38 -22.02 16.49
CA ILE C 48 1.52 -22.11 15.33
C ILE C 48 1.63 -20.89 14.47
N CYS C 49 1.68 -19.73 15.10
CA CYS C 49 1.86 -18.47 14.40
C CYS C 49 2.48 -17.43 15.29
N PHE C 50 3.02 -16.41 14.64
CA PHE C 50 3.43 -15.17 15.34
C PHE C 50 2.47 -14.06 14.92
N GLU C 51 1.90 -13.34 15.87
CA GLU C 51 0.83 -12.38 15.55
C GLU C 51 1.13 -10.98 16.07
N VAL C 52 1.19 -10.00 15.15
CA VAL C 52 1.46 -8.60 15.52
C VAL C 52 0.24 -7.74 15.28
N ALA C 53 -0.28 -7.08 16.31
CA ALA C 53 -1.46 -6.23 16.18
C ALA C 53 -1.09 -4.79 16.56
N SER C 54 -1.41 -3.83 15.67
CA SER C 54 -1.30 -2.42 15.96
C SER C 54 -2.61 -1.65 15.87
N ILE C 55 -2.85 -0.88 16.92
CA ILE C 55 -3.95 0.08 16.96
C ILE C 55 -3.39 1.48 17.16
N PRO C 56 -4.01 2.49 16.59
CA PRO C 56 -3.50 3.81 16.91
C PRO C 56 -3.79 4.18 18.35
N TYR C 57 -2.77 4.73 19.03
CA TYR C 57 -2.87 5.05 20.46
C TYR C 57 -4.02 6.00 20.71
N SER C 58 -4.22 6.91 19.79
CA SER C 58 -5.27 7.87 19.95
C SER C 58 -6.60 7.16 20.24
N LEU C 59 -6.78 5.93 19.77
CA LEU C 59 -8.06 5.27 20.00
C LEU C 59 -8.22 4.71 21.41
N VAL C 60 -7.18 4.72 22.22
CA VAL C 60 -7.44 4.62 23.65
C VAL C 60 -7.98 6.00 24.04
N GLY C 85 -17.24 -1.93 11.49
CA GLY C 85 -17.42 -1.58 10.06
C GLY C 85 -17.08 -2.74 9.13
N HIS C 86 -16.25 -2.54 8.13
CA HIS C 86 -15.69 -3.69 7.39
C HIS C 86 -14.25 -4.00 7.86
N SER C 87 -13.66 -5.04 7.29
CA SER C 87 -12.23 -5.36 7.46
C SER C 87 -11.77 -6.15 6.25
N ASN C 88 -10.51 -6.09 5.86
CA ASN C 88 -10.11 -6.96 4.75
C ASN C 88 -8.67 -7.52 4.79
N GLN C 89 -8.51 -8.75 4.29
CA GLN C 89 -7.28 -9.53 4.46
C GLN C 89 -6.53 -9.82 3.20
N THR C 90 -5.23 -9.93 3.27
CA THR C 90 -4.49 -10.36 2.11
C THR C 90 -3.54 -11.43 2.55
N ILE C 91 -3.09 -12.28 1.62
CA ILE C 91 -2.17 -13.34 1.98
C ILE C 91 -0.97 -13.17 1.13
N SER C 92 0.20 -13.43 1.72
CA SER C 92 1.47 -13.38 1.00
C SER C 92 2.52 -14.35 1.58
N ALA C 93 3.67 -14.46 0.92
CA ALA C 93 4.79 -15.25 1.47
C ALA C 93 6.02 -14.37 1.82
N VAL C 94 6.55 -14.58 3.01
CA VAL C 94 7.75 -13.91 3.46
C VAL C 94 8.74 -14.96 3.91
N GLN C 95 9.95 -14.48 4.15
CA GLN C 95 11.02 -15.29 4.68
C GLN C 95 11.07 -15.24 6.21
N ALA C 96 11.47 -16.33 6.84
CA ALA C 96 11.61 -16.35 8.31
C ALA C 96 12.77 -15.47 8.73
N SER C 97 12.48 -14.41 9.47
CA SER C 97 13.51 -13.57 10.07
C SER C 97 14.10 -14.34 11.23
N GLU C 98 15.22 -13.86 11.74
CA GLU C 98 15.98 -14.61 12.73
C GLU C 98 15.13 -14.82 13.97
N GLN C 99 14.47 -13.73 14.36
CA GLN C 99 13.73 -13.65 15.60
C GLN C 99 12.45 -14.47 15.54
N ILE C 100 11.71 -14.31 14.45
CA ILE C 100 10.55 -15.16 14.17
C ILE C 100 10.87 -16.63 13.99
N ALA C 101 11.98 -16.91 13.30
CA ALA C 101 12.46 -18.30 13.21
C ALA C 101 12.52 -18.84 14.60
N GLU C 102 13.04 -18.05 15.51
CA GLU C 102 13.22 -18.53 16.85
C GLU C 102 11.92 -18.74 17.60
N TYR C 103 11.01 -17.77 17.51
CA TYR C 103 9.70 -17.96 18.13
C TYR C 103 8.98 -19.16 17.57
N LEU C 104 8.99 -19.33 16.27
CA LEU C 104 8.23 -20.41 15.70
C LEU C 104 9.01 -21.72 15.61
N GLU C 105 10.26 -21.75 16.03
CA GLU C 105 11.01 -23.02 16.02
C GLU C 105 11.19 -23.61 14.63
N ILE C 106 11.47 -22.73 13.66
CA ILE C 106 11.79 -23.07 12.28
C ILE C 106 13.16 -22.43 12.01
N LYS C 107 13.65 -22.35 10.77
CA LYS C 107 14.99 -21.76 10.48
C LYS C 107 14.88 -20.47 9.73
N ARG C 108 15.81 -19.54 10.01
CA ARG C 108 15.88 -18.27 9.24
C ARG C 108 15.78 -18.71 7.80
N GLY C 109 15.01 -17.97 7.03
CA GLY C 109 14.99 -18.22 5.60
C GLY C 109 13.85 -19.06 5.08
N ASP C 110 13.32 -19.95 5.92
CA ASP C 110 12.12 -20.71 5.62
C ASP C 110 10.96 -19.82 5.11
N ALA C 111 10.24 -20.31 4.09
CA ALA C 111 9.14 -19.55 3.50
C ALA C 111 7.91 -19.75 4.39
N ILE C 112 7.16 -18.69 4.56
CA ILE C 112 6.18 -18.60 5.61
C ILE C 112 5.01 -17.85 5.04
N LEU C 113 3.79 -18.34 5.27
CA LEU C 113 2.60 -17.62 4.88
C LEU C 113 2.39 -16.49 5.87
N ARG C 114 1.94 -15.36 5.36
CA ARG C 114 1.61 -14.27 6.22
C ARG C 114 0.29 -13.64 5.86
N VAL C 115 -0.59 -13.48 6.84
CA VAL C 115 -1.90 -12.91 6.57
C VAL C 115 -1.91 -11.50 7.15
N ARG C 116 -2.19 -10.48 6.34
CA ARG C 116 -2.35 -9.10 6.86
C ARG C 116 -3.84 -8.80 6.92
N GLN C 117 -4.31 -8.24 8.01
CA GLN C 117 -5.71 -7.85 8.11
C GLN C 117 -5.76 -6.38 8.55
N VAL C 118 -6.62 -5.58 7.90
CA VAL C 118 -6.93 -4.29 8.41
C VAL C 118 -8.39 -4.20 8.69
N SER C 119 -8.77 -3.72 9.88
CA SER C 119 -10.17 -3.37 10.16
C SER C 119 -10.44 -1.88 10.16
N TYR C 120 -11.68 -1.52 9.81
CA TYR C 120 -12.06 -0.15 9.66
C TYR C 120 -13.39 0.10 10.30
N PHE C 121 -13.56 1.30 10.85
CA PHE C 121 -14.89 1.79 11.19
C PHE C 121 -15.63 2.12 9.89
N GLU C 122 -16.91 2.48 9.99
CA GLU C 122 -17.67 2.91 8.81
C GLU C 122 -17.07 4.06 8.04
N ASN C 123 -16.69 5.16 8.72
CA ASN C 123 -16.01 6.26 7.98
C ASN C 123 -14.95 5.72 7.02
N GLY C 124 -14.52 4.49 7.27
CA GLY C 124 -13.35 3.92 6.60
C GLY C 124 -12.11 4.29 7.40
N LEU C 125 -12.28 4.77 8.64
CA LEU C 125 -11.10 5.03 9.46
C LEU C 125 -10.54 3.65 9.89
N PRO C 126 -9.28 3.36 9.53
CA PRO C 126 -8.63 2.14 9.97
C PRO C 126 -8.45 2.17 11.46
N PHE C 127 -8.65 1.06 12.16
CA PHE C 127 -8.26 1.00 13.57
C PHE C 127 -7.37 -0.14 14.03
N GLU C 128 -7.28 -1.22 13.26
CA GLU C 128 -6.39 -2.28 13.66
C GLU C 128 -5.71 -2.89 12.47
N TYR C 129 -4.45 -3.19 12.63
CA TYR C 129 -3.66 -3.78 11.55
C TYR C 129 -3.04 -5.00 12.17
N VAL C 130 -3.41 -6.20 11.72
CA VAL C 130 -2.90 -7.43 12.34
C VAL C 130 -2.12 -8.19 11.29
N ARG C 131 -0.97 -8.73 11.67
CA ARG C 131 -0.16 -9.46 10.70
C ARG C 131 0.28 -10.73 11.38
N THR C 132 -0.14 -11.84 10.77
CA THR C 132 0.11 -13.16 11.28
C THR C 132 1.07 -13.91 10.41
N GLN C 133 2.05 -14.54 10.98
CA GLN C 133 2.97 -15.40 10.23
C GLN C 133 2.94 -16.77 10.82
N TYR C 134 2.97 -17.79 9.94
CA TYR C 134 2.74 -19.17 10.31
C TYR C 134 4.02 -19.98 10.43
N ALA C 135 4.11 -20.83 11.43
CA ALA C 135 5.30 -21.64 11.64
C ALA C 135 5.58 -22.70 10.58
N GLY C 136 5.83 -22.30 9.34
CA GLY C 136 6.05 -23.23 8.25
C GLY C 136 5.14 -22.81 7.14
N SER C 137 5.39 -23.20 5.90
CA SER C 137 6.32 -24.23 5.54
C SER C 137 5.74 -25.47 6.11
N ARG C 138 4.58 -25.79 5.58
CA ARG C 138 3.78 -26.85 6.08
C ARG C 138 2.35 -26.42 6.07
N PHE C 139 2.07 -25.25 6.61
CA PHE C 139 0.71 -24.75 6.61
C PHE C 139 0.22 -24.43 5.22
N GLU C 140 -1.05 -24.65 4.98
CA GLU C 140 -1.65 -24.45 3.70
C GLU C 140 -2.97 -23.86 4.01
N PHE C 141 -3.50 -23.04 3.14
CA PHE C 141 -4.86 -22.62 3.33
C PHE C 141 -5.61 -23.17 2.18
N TYR C 142 -6.88 -23.43 2.38
CA TYR C 142 -7.65 -24.04 1.35
C TYR C 142 -8.95 -23.33 1.18
N LEU C 143 -9.23 -22.99 -0.06
CA LEU C 143 -10.35 -22.18 -0.38
C LEU C 143 -11.17 -22.81 -1.47
N GLU C 144 -12.41 -22.39 -1.54
CA GLU C 144 -13.44 -22.89 -2.47
C GLU C 144 -14.33 -21.78 -3.02
N LYS C 145 -14.52 -21.74 -4.35
CA LYS C 145 -15.39 -20.79 -5.09
C LYS C 145 -16.53 -21.51 -5.82
N SER D 7 0.67 -7.61 -20.13
CA SER D 7 1.91 -8.25 -20.66
C SER D 7 2.22 -9.59 -19.97
N SER D 8 2.44 -10.59 -20.81
CA SER D 8 2.78 -11.92 -20.32
C SER D 8 3.63 -12.58 -21.40
N ARG D 9 4.36 -13.61 -21.02
CA ARG D 9 5.24 -14.29 -21.96
C ARG D 9 4.93 -15.75 -21.73
N THR D 10 4.85 -16.51 -22.82
CA THR D 10 4.62 -17.95 -22.74
C THR D 10 5.93 -18.70 -22.82
N VAL D 11 6.43 -19.18 -21.69
CA VAL D 11 7.64 -20.03 -21.68
C VAL D 11 7.48 -21.32 -22.47
N SER D 12 6.31 -21.95 -22.43
CA SER D 12 6.13 -23.26 -23.10
C SER D 12 4.66 -23.68 -23.32
N TYR D 13 4.44 -24.64 -24.20
CA TYR D 13 3.10 -24.96 -24.65
C TYR D 13 3.14 -26.24 -25.48
N PHE D 14 2.94 -27.37 -24.83
CA PHE D 14 3.00 -28.66 -25.51
C PHE D 14 1.81 -29.53 -25.09
N VAL D 15 1.70 -30.67 -25.73
CA VAL D 15 0.81 -31.74 -25.38
C VAL D 15 1.68 -32.84 -24.80
N ALA D 16 1.18 -33.59 -23.82
CA ALA D 16 2.00 -34.54 -23.06
C ALA D 16 1.11 -35.47 -22.27
N LYS D 17 1.66 -36.59 -21.85
CA LYS D 17 0.97 -37.47 -20.93
C LYS D 17 1.12 -36.91 -19.53
N PRO D 18 0.07 -37.03 -18.69
CA PRO D 18 0.01 -36.44 -17.34
C PRO D 18 0.97 -37.04 -16.32
N SER D 19 1.35 -36.26 -15.32
CA SER D 19 1.97 -36.85 -14.16
C SER D 19 0.86 -37.46 -13.33
N SER D 20 1.21 -38.09 -12.24
CA SER D 20 0.13 -38.55 -11.38
C SER D 20 -0.66 -37.40 -10.73
N SER D 21 -0.01 -36.31 -10.33
CA SER D 21 -0.79 -35.17 -9.85
C SER D 21 -1.77 -34.76 -10.90
N GLU D 22 -1.29 -34.64 -12.12
CA GLU D 22 -2.20 -34.19 -13.15
C GLU D 22 -3.35 -35.21 -13.35
N MET D 23 -3.04 -36.51 -13.34
CA MET D 23 -4.07 -37.56 -13.47
C MET D 23 -5.14 -37.39 -12.41
N GLU D 24 -4.64 -37.31 -11.18
CA GLU D 24 -5.42 -37.17 -9.99
C GLU D 24 -6.29 -35.94 -9.98
N LYS D 25 -5.76 -34.76 -10.22
CA LYS D 25 -6.63 -33.58 -10.09
C LYS D 25 -7.53 -33.42 -11.29
N LEU D 26 -7.17 -34.02 -12.44
CA LEU D 26 -7.98 -33.90 -13.68
C LEU D 26 -8.84 -35.12 -13.97
N GLN D 27 -8.82 -36.13 -13.09
CA GLN D 27 -9.61 -37.37 -13.29
C GLN D 27 -9.35 -37.95 -14.65
N LEU D 28 -8.10 -38.29 -14.87
CA LEU D 28 -7.57 -38.78 -16.14
C LEU D 28 -6.84 -40.07 -15.91
N GLY D 29 -6.86 -40.95 -16.89
CA GLY D 29 -6.01 -42.12 -16.87
C GLY D 29 -4.66 -41.76 -17.46
N PRO D 30 -3.66 -42.64 -17.30
CA PRO D 30 -2.28 -42.27 -17.59
C PRO D 30 -2.06 -41.97 -19.05
N GLU D 31 -2.87 -42.54 -19.93
CA GLU D 31 -2.71 -42.28 -21.36
C GLU D 31 -3.55 -41.12 -21.95
N ASP D 32 -4.31 -40.40 -21.15
CA ASP D 32 -5.04 -39.24 -21.71
C ASP D 32 -4.14 -38.03 -21.69
N SER D 33 -4.06 -37.33 -22.80
CA SER D 33 -3.09 -36.25 -22.93
C SER D 33 -3.55 -34.98 -22.26
N ILE D 34 -2.60 -34.15 -21.88
CA ILE D 34 -2.91 -32.84 -21.39
C ILE D 34 -2.24 -31.85 -22.31
N LEU D 35 -2.85 -30.70 -22.47
CA LEU D 35 -2.14 -29.52 -22.97
C LEU D 35 -1.51 -28.90 -21.75
N ARG D 36 -0.21 -28.65 -21.81
CA ARG D 36 0.51 -28.05 -20.71
C ARG D 36 1.20 -26.76 -21.13
N MET D 37 0.86 -25.71 -20.41
CA MET D 37 1.09 -24.36 -20.82
C MET D 37 1.76 -23.63 -19.70
N GLU D 38 2.86 -22.97 -19.99
CA GLU D 38 3.62 -22.22 -18.97
C GLU D 38 3.84 -20.78 -19.42
N ARG D 39 3.76 -19.90 -18.45
CA ARG D 39 3.62 -18.50 -18.73
C ARG D 39 4.15 -17.65 -17.54
N ILE D 40 4.69 -16.47 -17.83
CA ILE D 40 5.10 -15.49 -16.84
C ILE D 40 4.22 -14.29 -17.05
N ARG D 41 3.87 -13.61 -15.99
CA ARG D 41 3.10 -12.38 -16.12
C ARG D 41 3.80 -11.22 -15.42
N PHE D 42 3.81 -10.07 -16.09
CA PHE D 42 4.58 -8.92 -15.62
C PHE D 42 3.70 -7.74 -15.19
N ALA D 43 4.18 -6.95 -14.22
CA ALA D 43 3.57 -5.67 -13.86
C ALA D 43 4.68 -4.64 -13.77
N ASP D 44 4.52 -3.54 -14.52
CA ASP D 44 5.56 -2.52 -14.74
C ASP D 44 6.83 -3.25 -15.24
N ASP D 45 6.64 -4.19 -16.16
CA ASP D 45 7.75 -4.94 -16.73
C ASP D 45 8.59 -5.77 -15.73
N ILE D 46 8.13 -5.86 -14.48
CA ILE D 46 8.74 -6.78 -13.52
C ILE D 46 7.86 -8.06 -13.46
N PRO D 47 8.49 -9.26 -13.51
CA PRO D 47 7.74 -10.52 -13.34
C PRO D 47 6.93 -10.47 -12.05
N ILE D 48 5.68 -10.93 -12.08
CA ILE D 48 4.87 -11.06 -10.87
C ILE D 48 4.70 -12.54 -10.53
N CYS D 49 4.43 -13.39 -11.52
CA CYS D 49 4.04 -14.77 -11.24
C CYS D 49 4.41 -15.70 -12.35
N PHE D 50 4.74 -16.93 -12.00
CA PHE D 50 4.92 -17.98 -13.03
C PHE D 50 3.82 -19.03 -12.91
N GLU D 51 3.29 -19.49 -14.02
CA GLU D 51 2.07 -20.28 -13.96
C GLU D 51 2.08 -21.46 -14.92
N VAL D 52 1.95 -22.68 -14.40
CA VAL D 52 1.81 -23.91 -15.20
C VAL D 52 0.35 -24.30 -15.15
N ALA D 53 -0.26 -24.46 -16.32
CA ALA D 53 -1.63 -24.93 -16.44
C ALA D 53 -1.66 -26.22 -17.24
N SER D 54 -2.38 -27.22 -16.73
CA SER D 54 -2.68 -28.40 -17.51
C SER D 54 -4.19 -28.53 -17.71
N ILE D 55 -4.58 -28.81 -18.93
CA ILE D 55 -5.98 -28.92 -19.32
C ILE D 55 -6.06 -30.22 -20.10
N PRO D 56 -7.09 -31.02 -19.84
CA PRO D 56 -7.26 -32.27 -20.61
C PRO D 56 -7.37 -31.95 -22.07
N TYR D 57 -6.55 -32.60 -22.87
CA TYR D 57 -6.47 -32.26 -24.27
C TYR D 57 -7.77 -32.51 -25.01
N SER D 58 -8.47 -33.58 -24.64
CA SER D 58 -9.73 -33.89 -25.29
C SER D 58 -10.69 -32.69 -25.19
N LEU D 59 -10.62 -31.89 -24.13
CA LEU D 59 -11.52 -30.72 -24.01
C LEU D 59 -11.21 -29.55 -24.94
N VAL D 60 -10.03 -29.58 -25.53
CA VAL D 60 -9.41 -28.34 -25.97
C VAL D 60 -8.69 -28.46 -27.31
N SER D 61 -8.66 -29.68 -27.87
CA SER D 61 -7.81 -30.01 -29.04
C SER D 61 -8.26 -29.35 -30.30
N GLN D 62 -9.47 -28.80 -30.28
CA GLN D 62 -10.10 -28.26 -31.47
C GLN D 62 -10.09 -26.74 -31.39
N TYR D 63 -9.36 -26.18 -30.41
CA TYR D 63 -9.39 -24.74 -30.18
C TYR D 63 -8.14 -24.06 -30.73
N GLY D 64 -8.19 -22.73 -30.78
CA GLY D 64 -7.11 -21.94 -31.31
C GLY D 64 -6.17 -21.60 -30.19
N LYS D 65 -4.88 -21.76 -30.46
CA LYS D 65 -3.90 -21.50 -29.45
C LYS D 65 -4.15 -20.18 -28.72
N SER D 66 -4.59 -19.13 -29.43
CA SER D 66 -4.69 -17.82 -28.76
C SER D 66 -5.96 -17.72 -27.88
N GLU D 67 -6.98 -18.52 -28.21
CA GLU D 67 -8.21 -18.51 -27.42
C GLU D 67 -8.01 -19.35 -26.16
N ILE D 68 -7.20 -20.40 -26.26
CA ILE D 68 -6.73 -21.11 -25.06
C ILE D 68 -5.91 -20.15 -24.17
N THR D 69 -5.03 -19.39 -24.83
CA THR D 69 -4.09 -18.53 -24.17
C THR D 69 -4.70 -17.26 -23.61
N ASN D 70 -5.64 -16.62 -24.29
CA ASN D 70 -6.08 -15.29 -23.79
C ASN D 70 -7.51 -15.18 -23.24
N SER D 71 -8.35 -16.15 -23.59
CA SER D 71 -9.79 -16.09 -23.28
C SER D 71 -10.34 -17.50 -23.08
N PHE D 72 -9.63 -18.25 -22.25
CA PHE D 72 -9.90 -19.66 -22.05
C PHE D 72 -11.33 -19.82 -21.57
N TYR D 73 -11.64 -19.18 -20.45
CA TYR D 73 -12.93 -19.36 -19.81
C TYR D 73 -14.06 -19.00 -20.76
N LYS D 74 -13.97 -17.82 -21.36
CA LYS D 74 -14.95 -17.37 -22.38
C LYS D 74 -15.09 -18.33 -23.55
N THR D 75 -13.97 -18.84 -24.07
CA THR D 75 -14.01 -19.91 -25.08
C THR D 75 -14.74 -21.17 -24.60
N LEU D 76 -14.58 -21.55 -23.33
CA LEU D 76 -15.23 -22.78 -22.82
C LEU D 76 -16.72 -22.58 -22.63
N GLU D 77 -17.09 -21.49 -21.95
CA GLU D 77 -18.47 -21.05 -21.89
C GLU D 77 -19.02 -20.98 -23.31
N ALA D 78 -18.38 -20.17 -24.15
CA ALA D 78 -18.84 -19.98 -25.51
C ALA D 78 -19.17 -21.33 -26.14
N LYS D 79 -18.19 -22.23 -26.21
CA LYS D 79 -18.21 -23.32 -27.20
C LYS D 79 -18.22 -24.78 -26.65
N SER D 80 -17.95 -24.98 -25.38
CA SER D 80 -17.85 -26.36 -24.88
C SER D 80 -19.20 -27.01 -24.62
N GLY D 81 -20.25 -26.20 -24.47
CA GLY D 81 -21.55 -26.71 -24.07
C GLY D 81 -21.50 -27.26 -22.65
N HIS D 82 -20.74 -26.62 -21.77
CA HIS D 82 -20.72 -27.01 -20.39
C HIS D 82 -20.58 -25.69 -19.77
N LYS D 83 -20.94 -25.55 -18.51
CA LYS D 83 -20.62 -24.30 -17.82
C LYS D 83 -19.81 -24.46 -16.52
N ILE D 84 -18.99 -23.45 -16.29
CA ILE D 84 -17.98 -23.46 -15.26
C ILE D 84 -18.63 -23.51 -13.90
N GLY D 85 -18.20 -24.48 -13.08
CA GLY D 85 -18.79 -24.76 -11.77
C GLY D 85 -17.82 -24.33 -10.71
N HIS D 86 -17.61 -25.16 -9.69
CA HIS D 86 -16.72 -24.79 -8.59
C HIS D 86 -15.26 -24.78 -9.00
N SER D 87 -14.43 -24.15 -8.18
CA SER D 87 -13.00 -24.40 -8.18
C SER D 87 -12.47 -24.41 -6.73
N ASN D 88 -11.32 -25.02 -6.48
CA ASN D 88 -10.77 -24.92 -5.16
C ASN D 88 -9.35 -24.45 -5.28
N GLN D 89 -8.88 -23.73 -4.28
CA GLN D 89 -7.49 -23.24 -4.30
C GLN D 89 -6.78 -23.70 -3.04
N THR D 90 -5.52 -24.10 -3.21
CA THR D 90 -4.68 -24.41 -2.08
C THR D 90 -3.53 -23.47 -2.07
N ILE D 91 -3.42 -22.71 -1.00
CA ILE D 91 -2.38 -21.66 -0.90
C ILE D 91 -1.29 -22.01 0.09
N SER D 92 -0.05 -21.87 -0.34
CA SER D 92 1.07 -22.14 0.57
C SER D 92 2.31 -21.29 0.24
N ALA D 93 3.27 -21.35 1.12
CA ALA D 93 4.47 -20.59 0.97
C ALA D 93 5.60 -21.59 0.73
N VAL D 94 6.52 -21.25 -0.17
CA VAL D 94 7.57 -22.17 -0.57
C VAL D 94 8.77 -21.31 -0.97
N GLN D 95 9.98 -21.85 -0.94
CA GLN D 95 11.18 -21.12 -1.40
C GLN D 95 11.33 -21.20 -2.91
N ALA D 96 11.84 -20.15 -3.56
CA ALA D 96 12.08 -20.22 -5.00
C ALA D 96 13.21 -21.17 -5.33
N SER D 97 12.96 -22.13 -6.22
CA SER D 97 14.01 -22.94 -6.84
C SER D 97 14.77 -22.02 -7.78
N GLU D 98 15.92 -22.46 -8.27
CA GLU D 98 16.66 -21.56 -9.18
C GLU D 98 15.83 -21.35 -10.43
N GLN D 99 15.18 -22.42 -10.90
CA GLN D 99 14.43 -22.28 -12.11
C GLN D 99 13.38 -21.15 -11.98
N ILE D 100 12.65 -21.17 -10.87
CA ILE D 100 11.64 -20.16 -10.63
C ILE D 100 12.27 -18.79 -10.40
N ALA D 101 13.41 -18.75 -9.72
CA ALA D 101 14.06 -17.47 -9.45
C ALA D 101 14.55 -16.89 -10.77
N GLU D 102 14.93 -17.76 -11.68
CA GLU D 102 15.28 -17.35 -13.04
C GLU D 102 14.08 -16.67 -13.69
N TYR D 103 13.01 -17.41 -13.88
CA TYR D 103 11.83 -16.88 -14.53
C TYR D 103 11.36 -15.60 -13.90
N LEU D 104 11.32 -15.57 -12.57
CA LEU D 104 10.71 -14.44 -11.87
C LEU D 104 11.72 -13.33 -11.57
N GLU D 105 13.00 -13.56 -11.88
CA GLU D 105 14.06 -12.58 -11.69
C GLU D 105 14.15 -12.18 -10.22
N ILE D 106 14.40 -13.18 -9.38
CA ILE D 106 14.64 -12.97 -7.95
C ILE D 106 15.74 -13.96 -7.53
N LYS D 107 16.15 -13.94 -6.28
CA LYS D 107 17.15 -14.92 -5.83
C LYS D 107 16.50 -16.24 -5.47
N ARG D 108 17.23 -17.32 -5.73
CA ARG D 108 16.91 -18.63 -5.23
C ARG D 108 16.66 -18.49 -3.76
N GLY D 109 15.66 -19.20 -3.24
CA GLY D 109 15.34 -19.15 -1.82
C GLY D 109 14.40 -18.01 -1.48
N ASP D 110 14.18 -17.04 -2.35
CA ASP D 110 13.20 -15.98 -2.01
C ASP D 110 11.80 -16.59 -1.83
N ALA D 111 10.97 -15.91 -1.03
CA ALA D 111 9.67 -16.41 -0.66
C ALA D 111 8.73 -16.42 -1.87
N ILE D 112 8.13 -17.59 -2.15
CA ILE D 112 7.10 -17.71 -3.17
C ILE D 112 5.77 -18.01 -2.56
N LEU D 113 4.75 -17.26 -2.96
CA LEU D 113 3.38 -17.60 -2.63
C LEU D 113 2.93 -18.53 -3.74
N ARG D 114 2.62 -19.76 -3.37
CA ARG D 114 2.16 -20.75 -4.35
C ARG D 114 0.66 -20.97 -4.29
N VAL D 115 -0.02 -20.74 -5.40
CA VAL D 115 -1.44 -21.14 -5.46
C VAL D 115 -1.66 -22.31 -6.41
N ARG D 116 -2.26 -23.35 -5.90
CA ARG D 116 -2.70 -24.48 -6.72
C ARG D 116 -4.19 -24.52 -6.78
N GLN D 117 -4.68 -24.67 -8.00
CA GLN D 117 -6.10 -24.60 -8.24
C GLN D 117 -6.59 -25.71 -9.21
N VAL D 118 -7.77 -26.21 -8.93
CA VAL D 118 -8.47 -27.12 -9.84
C VAL D 118 -9.87 -26.53 -10.03
N SER D 119 -10.29 -26.39 -11.28
CA SER D 119 -11.58 -25.84 -11.62
C SER D 119 -12.43 -26.89 -12.36
N TYR D 120 -13.69 -27.02 -11.96
CA TYR D 120 -14.59 -28.02 -12.50
C TYR D 120 -15.69 -27.39 -13.34
N PHE D 121 -16.24 -28.16 -14.28
CA PHE D 121 -17.51 -27.77 -14.88
C PHE D 121 -18.63 -28.08 -13.88
N GLU D 122 -19.78 -27.44 -14.07
CA GLU D 122 -20.93 -27.68 -13.19
C GLU D 122 -21.35 -29.13 -13.14
N ASN D 123 -21.07 -29.93 -14.17
CA ASN D 123 -21.26 -31.39 -14.03
C ASN D 123 -20.13 -32.14 -13.30
N GLY D 124 -19.21 -31.47 -12.66
CA GLY D 124 -18.11 -32.16 -11.94
C GLY D 124 -16.82 -32.53 -12.66
N LEU D 125 -16.72 -32.18 -13.94
CA LEU D 125 -15.59 -32.57 -14.78
C LEU D 125 -14.50 -31.58 -14.57
N PRO D 126 -13.35 -32.03 -14.06
CA PRO D 126 -12.18 -31.18 -13.96
C PRO D 126 -11.79 -30.68 -15.34
N PHE D 127 -11.57 -29.39 -15.50
CA PHE D 127 -11.02 -28.92 -16.77
C PHE D 127 -9.68 -28.19 -16.69
N GLU D 128 -9.16 -27.90 -15.50
CA GLU D 128 -7.82 -27.37 -15.48
C GLU D 128 -7.21 -27.54 -14.14
N TYR D 129 -5.90 -27.72 -14.12
CA TYR D 129 -5.11 -27.69 -12.88
C TYR D 129 -4.05 -26.62 -13.06
N VAL D 130 -4.16 -25.53 -12.32
CA VAL D 130 -3.24 -24.45 -12.56
C VAL D 130 -2.45 -24.26 -11.32
N ARG D 131 -1.15 -24.08 -11.48
CA ARG D 131 -0.18 -23.96 -10.37
C ARG D 131 0.70 -22.73 -10.55
N THR D 132 0.51 -21.77 -9.66
CA THR D 132 1.06 -20.45 -9.85
C THR D 132 2.02 -20.13 -8.74
N GLN D 133 3.18 -19.59 -9.11
CA GLN D 133 4.18 -19.16 -8.15
C GLN D 133 4.37 -17.66 -8.26
N TYR D 134 4.04 -16.96 -7.18
CA TYR D 134 4.14 -15.51 -7.16
C TYR D 134 5.35 -15.13 -6.36
N ALA D 135 6.06 -14.11 -6.82
CA ALA D 135 7.11 -13.44 -6.03
C ALA D 135 6.46 -12.84 -4.78
N GLY D 136 6.83 -13.33 -3.59
CA GLY D 136 6.21 -12.89 -2.34
C GLY D 136 6.25 -11.37 -2.16
N SER D 137 7.45 -10.79 -2.36
CA SER D 137 7.64 -9.36 -2.07
C SER D 137 6.86 -8.47 -3.02
N ARG D 138 6.48 -9.01 -4.16
CA ARG D 138 5.75 -8.24 -5.14
C ARG D 138 4.25 -8.49 -5.25
N PHE D 139 3.70 -9.37 -4.43
CA PHE D 139 2.30 -9.74 -4.58
C PHE D 139 1.55 -9.86 -3.29
N GLU D 140 0.25 -9.69 -3.37
CA GLU D 140 -0.63 -9.89 -2.24
C GLU D 140 -1.86 -10.53 -2.76
N PHE D 141 -2.36 -11.57 -2.12
CA PHE D 141 -3.53 -12.27 -2.60
C PHE D 141 -4.70 -11.74 -1.84
N TYR D 142 -5.66 -11.13 -2.54
CA TYR D 142 -6.76 -10.45 -1.89
C TYR D 142 -7.87 -11.45 -1.71
N LEU D 143 -8.34 -11.64 -0.50
CA LEU D 143 -9.42 -12.55 -0.16
C LEU D 143 -10.80 -11.93 -0.43
N GLU D 144 -11.68 -12.65 -1.17
CA GLU D 144 -13.08 -12.27 -1.32
C GLU D 144 -13.84 -12.08 -0.01
MG MG E . -0.27 5.44 -9.56
MG MG F . 8.78 30.59 7.14
MG MG G . 1.90 -30.68 -9.46
#